data_4JVU
#
_entry.id   4JVU
#
_cell.length_a   92.440
_cell.length_b   44.780
_cell.length_c   54.570
_cell.angle_alpha   90.00
_cell.angle_beta   118.10
_cell.angle_gamma   90.00
#
_symmetry.space_group_name_H-M   'C 1 2 1'
#
loop_
_entity.id
_entity.type
_entity.pdbx_description
1 polymer 'Ig mu chain C region membrane-bound form'
2 water water
#
_entity_poly.entity_id   1
_entity_poly.type   'polypeptide(L)'
_entity_poly.pdbx_seq_one_letter_code
;MGIPAVAEMNPNVNVFVPPRDGFSGPAPRKSKLICEATNFTPKPITVSWLKDGKLVESGFTTDPVTIENKGSTPQTYKVI
STLTISEIDWLNLNVYTCRVDHRGLTFLKNVSSTCAA
;
_entity_poly.pdbx_strand_id   A,B
#
# COMPACT_ATOMS: atom_id res chain seq x y z
N GLY A 2 -27.68 15.35 14.56
CA GLY A 2 -26.40 14.67 14.33
C GLY A 2 -25.81 14.14 15.60
N ILE A 3 -24.95 13.14 15.46
CA ILE A 3 -24.28 12.54 16.61
C ILE A 3 -22.86 13.03 16.62
N PRO A 4 -22.43 13.62 17.73
CA PRO A 4 -21.11 14.20 17.79
C PRO A 4 -20.01 13.16 18.02
N ALA A 5 -18.87 13.33 17.37
CA ALA A 5 -17.71 12.48 17.69
C ALA A 5 -17.11 12.84 19.06
N VAL A 6 -16.65 11.85 19.79
CA VAL A 6 -16.37 12.10 21.21
C VAL A 6 -14.92 12.49 21.48
N ALA A 7 -14.08 12.42 20.44
CA ALA A 7 -12.63 12.38 20.59
C ALA A 7 -11.98 13.02 19.40
N GLU A 8 -10.74 13.41 19.60
CA GLU A 8 -9.90 14.02 18.59
C GLU A 8 -8.60 13.27 18.60
N MET A 9 -8.28 12.59 17.50
CA MET A 9 -7.02 11.87 17.34
C MET A 9 -6.46 12.13 15.96
N ASN A 10 -5.18 12.48 15.93
CA ASN A 10 -4.49 12.74 14.70
C ASN A 10 -4.19 11.46 13.93
N PRO A 11 -4.14 11.53 12.61
CA PRO A 11 -3.75 10.36 11.84
C PRO A 11 -2.27 10.05 11.90
N ASN A 12 -1.96 8.78 11.86
CA ASN A 12 -0.64 8.31 11.49
C ASN A 12 -0.62 8.11 10.01
N VAL A 13 0.39 8.55 9.31
CA VAL A 13 0.44 8.48 7.86
C VAL A 13 1.65 7.68 7.41
N ASN A 14 1.40 6.66 6.65
CA ASN A 14 2.45 5.83 6.10
C ASN A 14 2.28 5.63 4.66
N VAL A 15 3.36 5.58 3.90
CA VAL A 15 3.39 5.34 2.49
C VAL A 15 4.18 4.08 2.16
N PHE A 16 3.65 3.30 1.28
CA PHE A 16 4.23 2.03 0.80
C PHE A 16 4.60 2.18 -0.64
N VAL A 17 5.75 1.70 -1.04
CA VAL A 17 6.40 2.00 -2.26
C VAL A 17 6.70 0.76 -3.06
N PRO A 18 7.05 0.86 -4.33
CA PRO A 18 7.43 -0.36 -5.06
C PRO A 18 8.82 -0.84 -4.55
N PRO A 19 9.02 -2.16 -4.54
CA PRO A 19 10.38 -2.68 -4.34
C PRO A 19 11.23 -2.33 -5.56
N ARG A 20 12.50 -2.70 -5.53
CA ARG A 20 13.30 -2.21 -6.67
C ARG A 20 12.93 -2.82 -7.95
N ASP A 21 12.35 -4.03 -7.94
CA ASP A 21 11.78 -4.67 -9.16
C ASP A 21 10.27 -4.50 -9.29
N GLY A 22 9.72 -3.39 -8.85
CA GLY A 22 8.28 -3.19 -8.81
C GLY A 22 7.64 -2.52 -10.02
N PHE A 23 8.30 -2.42 -11.14
CA PHE A 23 7.76 -1.73 -12.29
C PHE A 23 7.52 -2.67 -13.38
N SER A 24 6.34 -2.47 -14.00
CA SER A 24 5.77 -3.53 -14.84
C SER A 24 5.04 -2.95 -16.00
N GLY A 25 4.73 -3.88 -16.92
CA GLY A 25 4.00 -3.60 -18.10
C GLY A 25 4.94 -3.12 -19.15
N PRO A 26 4.39 -2.78 -20.30
CA PRO A 26 5.22 -2.26 -21.35
C PRO A 26 5.80 -0.94 -20.95
N ALA A 27 6.93 -0.57 -21.55
CA ALA A 27 7.49 0.74 -21.31
C ALA A 27 6.58 1.76 -21.95
N PRO A 28 6.51 2.99 -21.39
CA PRO A 28 7.15 3.39 -20.10
C PRO A 28 6.41 2.76 -18.89
N ARG A 29 7.13 2.10 -18.04
CA ARG A 29 6.50 1.28 -16.99
C ARG A 29 5.96 2.12 -15.84
N LYS A 30 4.99 1.57 -15.16
CA LYS A 30 4.29 2.20 -14.07
C LYS A 30 4.34 1.33 -12.83
N SER A 31 4.11 1.94 -11.70
CA SER A 31 3.85 1.29 -10.43
C SER A 31 2.91 2.15 -9.63
N LYS A 32 2.87 1.98 -8.34
CA LYS A 32 1.97 2.66 -7.47
C LYS A 32 2.64 3.03 -6.19
N LEU A 33 2.15 4.06 -5.53
CA LEU A 33 2.37 4.33 -4.11
C LEU A 33 1.07 4.22 -3.38
N ILE A 34 1.11 3.68 -2.18
CA ILE A 34 -0.07 3.53 -1.32
C ILE A 34 0.11 4.32 -0.08
N CYS A 35 -0.79 5.25 0.17
CA CYS A 35 -0.83 6.01 1.38
C CYS A 35 -1.90 5.48 2.29
N GLU A 36 -1.59 5.28 3.55
CA GLU A 36 -2.57 4.87 4.52
C GLU A 36 -2.52 5.84 5.67
N ALA A 37 -3.65 6.40 6.02
CA ALA A 37 -3.83 7.18 7.21
C ALA A 37 -4.66 6.36 8.17
N THR A 38 -4.21 6.29 9.39
CA THR A 38 -4.78 5.39 10.40
C THR A 38 -4.90 6.07 11.74
N ASN A 39 -5.75 5.51 12.59
CA ASN A 39 -5.82 5.90 13.99
C ASN A 39 -6.35 7.27 14.24
N PHE A 40 -7.18 7.77 13.31
CA PHE A 40 -7.75 9.11 13.45
C PHE A 40 -9.24 9.12 13.79
N THR A 41 -9.68 10.21 14.41
CA THR A 41 -11.09 10.50 14.62
C THR A 41 -11.22 11.98 14.85
N PRO A 42 -12.29 12.65 14.40
CA PRO A 42 -13.40 12.16 13.64
C PRO A 42 -13.08 11.69 12.24
N LYS A 43 -14.09 11.14 11.57
CA LYS A 43 -13.94 10.48 10.31
C LYS A 43 -13.49 11.35 9.13
N PRO A 44 -14.04 12.62 8.96
CA PRO A 44 -13.66 13.35 7.76
C PRO A 44 -12.17 13.59 7.69
N ILE A 45 -11.64 13.43 6.50
CA ILE A 45 -10.23 13.59 6.23
C ILE A 45 -10.03 13.84 4.74
N THR A 46 -8.99 14.49 4.36
CA THR A 46 -8.65 14.74 2.99
C THR A 46 -7.25 14.21 2.71
N VAL A 47 -7.11 13.52 1.58
CA VAL A 47 -5.83 13.02 1.12
C VAL A 47 -5.49 13.65 -0.20
N SER A 48 -4.28 14.16 -0.33
CA SER A 48 -3.75 14.73 -1.55
C SER A 48 -2.37 14.15 -1.83
N TRP A 49 -2.00 14.12 -3.07
CA TRP A 49 -0.69 13.71 -3.46
C TRP A 49 0.06 14.85 -4.10
N LEU A 50 1.35 14.98 -3.81
CA LEU A 50 2.22 15.93 -4.45
C LEU A 50 3.38 15.17 -5.09
N LYS A 51 3.90 15.67 -6.20
CA LYS A 51 5.09 15.21 -6.82
C LYS A 51 6.03 16.37 -6.94
N ASP A 52 7.16 16.36 -6.27
CA ASP A 52 8.09 17.49 -6.19
C ASP A 52 7.31 18.74 -5.82
N GLY A 53 6.40 18.67 -4.85
CA GLY A 53 5.70 19.81 -4.34
C GLY A 53 4.51 20.27 -5.13
N LYS A 54 4.26 19.70 -6.28
CA LYS A 54 3.16 20.07 -7.16
C LYS A 54 2.01 19.12 -6.97
N LEU A 55 0.81 19.66 -6.88
CA LEU A 55 -0.37 18.84 -6.68
C LEU A 55 -0.61 17.93 -7.85
N VAL A 56 -0.85 16.66 -7.53
CA VAL A 56 -1.24 15.65 -8.50
C VAL A 56 -2.74 15.63 -8.63
N GLU A 57 -3.22 15.82 -9.87
CA GLU A 57 -4.64 16.00 -10.12
C GLU A 57 -5.31 14.84 -10.84
N SER A 58 -4.58 13.79 -11.14
CA SER A 58 -5.13 12.60 -11.84
C SER A 58 -4.28 11.42 -11.44
N GLY A 59 -4.73 10.24 -11.78
CA GLY A 59 -3.96 9.07 -11.61
C GLY A 59 -3.89 8.54 -10.20
N PHE A 60 -4.83 8.92 -9.35
CA PHE A 60 -4.96 8.35 -8.03
C PHE A 60 -6.39 8.03 -7.70
N THR A 61 -6.57 7.11 -6.76
CA THR A 61 -7.87 6.73 -6.30
C THR A 61 -7.82 6.66 -4.79
N THR A 62 -8.66 7.40 -4.10
CA THR A 62 -8.79 7.37 -2.65
C THR A 62 -10.03 6.59 -2.32
N ASP A 63 -9.89 5.53 -1.54
CA ASP A 63 -11.00 4.67 -1.17
C ASP A 63 -11.84 5.33 -0.06
N PRO A 64 -13.07 4.85 0.13
CA PRO A 64 -13.87 5.38 1.20
C PRO A 64 -13.17 5.22 2.54
N VAL A 65 -13.35 6.20 3.42
CA VAL A 65 -12.87 6.08 4.76
C VAL A 65 -13.62 4.95 5.44
N THR A 66 -12.95 4.17 6.25
CA THR A 66 -13.53 3.01 6.92
C THR A 66 -13.17 2.95 8.40
N ILE A 67 -13.99 2.27 9.16
CA ILE A 67 -13.74 2.06 10.59
C ILE A 67 -12.58 1.12 10.77
N GLU A 68 -11.72 1.38 11.76
CA GLU A 68 -10.69 0.39 12.16
C GLU A 68 -11.20 -0.62 13.14
N THR A 73 -14.18 2.24 24.24
CA THR A 73 -13.15 2.30 23.22
C THR A 73 -13.52 3.32 22.13
N PRO A 74 -12.67 4.35 21.92
CA PRO A 74 -12.94 5.45 20.98
C PRO A 74 -12.74 4.99 19.54
N GLN A 75 -13.79 5.04 18.76
CA GLN A 75 -13.73 4.55 17.40
C GLN A 75 -12.77 5.38 16.56
N THR A 76 -11.92 4.69 15.82
CA THR A 76 -11.00 5.34 14.92
C THR A 76 -11.22 4.82 13.51
N TYR A 77 -10.60 5.50 12.58
CA TYR A 77 -10.85 5.34 11.17
C TYR A 77 -9.52 5.18 10.39
N LYS A 78 -9.65 4.73 9.15
CA LYS A 78 -8.53 4.54 8.25
C LYS A 78 -8.93 4.91 6.85
N VAL A 79 -7.96 5.35 6.06
CA VAL A 79 -8.21 5.60 4.65
C VAL A 79 -6.98 5.19 3.86
N ILE A 80 -7.22 4.69 2.67
CA ILE A 80 -6.18 4.30 1.75
C ILE A 80 -6.30 5.07 0.47
N SER A 81 -5.20 5.57 -0.04
CA SER A 81 -5.17 6.20 -1.37
C SER A 81 -4.04 5.62 -2.17
N THR A 82 -4.19 5.43 -3.46
CA THR A 82 -3.27 4.80 -4.31
C THR A 82 -2.94 5.69 -5.49
N LEU A 83 -1.70 6.04 -5.70
CA LEU A 83 -1.23 6.91 -6.77
C LEU A 83 -0.46 6.09 -7.80
N THR A 84 -0.82 6.19 -9.08
CA THR A 84 -0.03 5.66 -10.15
C THR A 84 1.19 6.50 -10.39
N ILE A 85 2.36 5.90 -10.47
CA ILE A 85 3.60 6.58 -10.72
C ILE A 85 4.35 6.01 -11.91
N SER A 86 5.20 6.79 -12.52
CA SER A 86 6.03 6.41 -13.64
C SER A 86 7.39 5.98 -13.12
N GLU A 87 7.93 4.92 -13.73
CA GLU A 87 9.29 4.50 -13.41
C GLU A 87 10.31 5.61 -13.69
N ILE A 88 10.13 6.35 -14.78
CA ILE A 88 11.06 7.40 -15.14
C ILE A 88 11.09 8.48 -14.06
N ASP A 89 9.93 8.90 -13.57
CA ASP A 89 9.87 9.89 -12.50
C ASP A 89 10.48 9.34 -11.21
N TRP A 90 10.21 8.07 -10.87
CA TRP A 90 10.77 7.42 -9.71
C TRP A 90 12.28 7.41 -9.78
N LEU A 91 12.80 7.01 -10.92
CA LEU A 91 14.26 6.92 -11.07
C LEU A 91 14.92 8.27 -11.23
N ASN A 92 14.20 9.30 -11.60
CA ASN A 92 14.71 10.64 -11.61
C ASN A 92 14.66 11.29 -10.22
N LEU A 93 14.32 10.51 -9.21
CA LEU A 93 14.46 10.91 -7.82
C LEU A 93 13.40 11.90 -7.41
N ASN A 94 12.28 11.94 -8.12
CA ASN A 94 11.17 12.79 -7.73
C ASN A 94 10.71 12.42 -6.34
N VAL A 95 10.34 13.39 -5.54
CA VAL A 95 9.85 13.16 -4.18
C VAL A 95 8.37 13.21 -4.21
N TYR A 96 7.70 12.21 -3.69
CA TYR A 96 6.29 12.10 -3.62
C TYR A 96 5.81 12.35 -2.21
N THR A 97 4.73 13.04 -2.02
CA THR A 97 4.18 13.38 -0.77
C THR A 97 2.75 12.96 -0.68
N CYS A 98 2.40 12.20 0.36
CA CYS A 98 1.04 12.00 0.76
C CYS A 98 0.72 13.06 1.82
N ARG A 99 -0.17 13.96 1.49
CA ARG A 99 -0.58 15.05 2.38
C ARG A 99 -1.96 14.75 2.90
N VAL A 100 -2.08 14.69 4.20
CA VAL A 100 -3.29 14.32 4.87
C VAL A 100 -3.73 15.51 5.73
N ASP A 101 -4.93 16.01 5.49
CA ASP A 101 -5.48 17.10 6.25
C ASP A 101 -6.60 16.54 7.12
N HIS A 102 -6.52 16.76 8.42
CA HIS A 102 -7.51 16.28 9.34
C HIS A 102 -7.75 17.36 10.39
N ARG A 103 -8.99 17.82 10.48
CA ARG A 103 -9.42 18.75 11.52
C ARG A 103 -8.56 19.99 11.57
N GLY A 104 -8.16 20.46 10.39
CA GLY A 104 -7.40 21.69 10.20
C GLY A 104 -5.88 21.55 10.30
N LEU A 105 -5.40 20.35 10.60
CA LEU A 105 -3.99 20.06 10.71
C LEU A 105 -3.53 19.23 9.53
N THR A 106 -2.30 19.43 9.12
CA THR A 106 -1.72 18.77 7.99
C THR A 106 -0.61 17.83 8.42
N PHE A 107 -0.59 16.63 7.86
CA PHE A 107 0.42 15.65 8.13
C PHE A 107 0.96 15.15 6.78
N LEU A 108 2.27 15.20 6.57
CA LEU A 108 2.86 14.78 5.32
C LEU A 108 3.67 13.47 5.56
N LYS A 109 3.76 12.66 4.54
CA LYS A 109 4.74 11.60 4.44
C LYS A 109 5.39 11.70 3.08
N ASN A 110 6.69 11.73 3.02
CA ASN A 110 7.44 11.89 1.79
C ASN A 110 8.28 10.68 1.47
N VAL A 111 8.34 10.25 0.23
CA VAL A 111 9.13 9.14 -0.22
C VAL A 111 9.87 9.45 -1.52
N SER A 112 10.93 8.73 -1.80
CA SER A 112 11.60 8.76 -3.07
C SER A 112 12.35 7.47 -3.28
N SER A 113 12.92 7.28 -4.44
CA SER A 113 13.64 6.09 -4.74
C SER A 113 15.02 5.96 -4.10
N THR A 114 15.54 7.03 -3.57
CA THR A 114 16.90 7.05 -3.04
C THR A 114 17.03 6.32 -1.74
N CYS A 115 18.16 5.60 -1.57
CA CYS A 115 18.58 5.02 -0.30
C CYS A 115 19.44 5.99 0.49
N GLU B 8 -11.76 -15.30 -18.50
CA GLU B 8 -10.97 -15.35 -17.22
C GLU B 8 -9.81 -14.40 -17.37
N MET B 9 -9.51 -13.70 -16.29
CA MET B 9 -8.37 -12.85 -16.17
C MET B 9 -7.62 -13.14 -14.89
N ASN B 10 -6.38 -13.56 -15.01
CA ASN B 10 -5.58 -13.84 -13.83
C ASN B 10 -5.04 -12.58 -13.25
N PRO B 11 -4.79 -12.52 -11.95
CA PRO B 11 -4.42 -11.28 -11.31
C PRO B 11 -3.05 -10.83 -11.64
N ASN B 12 -2.89 -9.48 -11.69
CA ASN B 12 -1.61 -8.89 -11.40
C ASN B 12 -1.33 -9.02 -9.91
N VAL B 13 -0.11 -9.35 -9.52
CA VAL B 13 0.27 -9.48 -8.13
C VAL B 13 1.42 -8.57 -7.89
N ASN B 14 1.21 -7.57 -7.01
CA ASN B 14 2.26 -6.64 -6.68
C ASN B 14 2.31 -6.44 -5.18
N VAL B 15 3.50 -6.27 -4.66
CA VAL B 15 3.75 -6.01 -3.25
C VAL B 15 4.37 -4.65 -3.04
N PHE B 16 3.81 -3.91 -2.11
CA PHE B 16 4.32 -2.57 -1.76
C PHE B 16 4.93 -2.64 -0.40
N VAL B 17 5.97 -1.88 -0.19
CA VAL B 17 6.89 -2.13 0.91
C VAL B 17 7.18 -0.85 1.65
N PRO B 18 7.75 -0.87 2.82
CA PRO B 18 8.09 0.40 3.48
C PRO B 18 9.15 1.19 2.70
N PRO B 19 9.22 2.50 2.91
CA PRO B 19 10.13 3.38 2.16
C PRO B 19 11.59 3.08 2.19
N ARG B 20 12.30 3.46 1.14
CA ARG B 20 13.73 3.36 1.01
C ARG B 20 14.46 3.95 2.19
N ASP B 21 13.95 5.05 2.74
CA ASP B 21 14.58 5.73 3.85
C ASP B 21 13.93 5.39 5.17
N GLY B 22 13.32 4.21 5.31
CA GLY B 22 13.03 3.63 6.62
C GLY B 22 11.56 3.68 7.00
N PHE B 23 11.26 3.01 8.08
CA PHE B 23 9.90 2.93 8.64
C PHE B 23 9.55 4.31 9.19
N LYS B 30 7.88 -1.56 13.67
CA LYS B 30 7.05 -2.38 12.72
C LYS B 30 6.34 -1.60 11.65
N SER B 31 6.04 -2.30 10.58
CA SER B 31 5.29 -1.76 9.47
C SER B 31 4.64 -2.92 8.78
N LYS B 32 4.43 -2.79 7.49
CA LYS B 32 3.56 -3.63 6.74
C LYS B 32 4.17 -3.87 5.37
N LEU B 33 3.87 -5.03 4.83
CA LEU B 33 3.91 -5.31 3.39
C LEU B 33 2.49 -5.43 2.91
N ILE B 34 2.19 -4.83 1.76
CA ILE B 34 0.84 -4.87 1.20
C ILE B 34 0.88 -5.59 -0.10
N CYS B 35 0.22 -6.72 -0.17
CA CYS B 35 0.08 -7.45 -1.40
C CYS B 35 -1.23 -7.13 -2.05
N GLU B 36 -1.21 -6.76 -3.30
CA GLU B 36 -2.40 -6.46 -4.07
C GLU B 36 -2.53 -7.37 -5.23
N ALA B 37 -3.68 -8.02 -5.36
CA ALA B 37 -4.03 -8.77 -6.53
C ALA B 37 -5.14 -8.01 -7.23
N THR B 38 -4.87 -7.66 -8.47
CA THR B 38 -5.76 -6.75 -9.21
C THR B 38 -6.07 -7.33 -10.57
N ASN B 39 -7.13 -6.80 -11.17
CA ASN B 39 -7.48 -7.07 -12.57
C ASN B 39 -7.84 -8.55 -12.78
N PHE B 40 -8.50 -9.19 -11.82
CA PHE B 40 -8.83 -10.58 -11.96
C PHE B 40 -10.33 -10.82 -12.05
N THR B 41 -10.69 -11.91 -12.68
CA THR B 41 -12.06 -12.41 -12.69
C THR B 41 -11.94 -13.88 -13.11
N PRO B 42 -12.80 -14.76 -12.56
CA PRO B 42 -13.82 -14.52 -11.57
C PRO B 42 -13.28 -14.38 -10.18
N LYS B 43 -14.18 -14.21 -9.23
CA LYS B 43 -13.88 -13.76 -7.90
C LYS B 43 -13.09 -14.60 -6.97
N PRO B 44 -13.27 -15.93 -7.00
CA PRO B 44 -12.62 -16.66 -5.92
C PRO B 44 -11.12 -16.51 -6.01
N ILE B 45 -10.50 -16.13 -4.94
CA ILE B 45 -9.03 -15.92 -4.88
C ILE B 45 -8.56 -16.13 -3.44
N THR B 46 -7.32 -16.52 -3.27
CA THR B 46 -6.73 -16.60 -1.94
C THR B 46 -5.39 -15.91 -1.92
N VAL B 47 -5.03 -15.42 -0.76
CA VAL B 47 -3.76 -14.76 -0.52
C VAL B 47 -3.14 -15.29 0.75
N SER B 48 -1.87 -15.65 0.73
CA SER B 48 -1.13 -16.05 1.92
C SER B 48 0.30 -15.51 1.77
N TRP B 49 1.11 -15.77 2.79
CA TRP B 49 2.46 -15.22 2.85
C TRP B 49 3.48 -16.28 3.23
N LEU B 50 4.72 -16.12 2.76
CA LEU B 50 5.86 -16.87 3.19
C LEU B 50 6.96 -15.90 3.62
N LYS B 51 7.83 -16.36 4.51
CA LYS B 51 8.96 -15.59 4.95
C LYS B 51 10.16 -16.54 4.89
N ASP B 52 11.19 -16.20 4.14
CA ASP B 52 12.32 -17.04 3.87
C ASP B 52 11.89 -18.41 3.39
N GLY B 53 10.84 -18.49 2.58
CA GLY B 53 10.37 -19.71 2.00
C GLY B 53 9.49 -20.57 2.86
N LYS B 54 9.15 -20.10 4.04
CA LYS B 54 8.36 -20.84 5.02
C LYS B 54 7.02 -20.17 5.29
N LEU B 55 5.99 -20.95 5.54
CA LEU B 55 4.64 -20.48 5.69
C LEU B 55 4.57 -19.53 6.86
N VAL B 56 3.89 -18.42 6.66
CA VAL B 56 3.54 -17.54 7.72
C VAL B 56 2.19 -17.94 8.31
N GLU B 57 2.15 -18.15 9.62
CA GLU B 57 0.97 -18.67 10.30
C GLU B 57 0.09 -17.66 10.97
N SER B 58 0.59 -16.45 11.09
CA SER B 58 -0.09 -15.38 11.84
C SER B 58 0.47 -14.04 11.37
N GLY B 59 -0.20 -12.99 11.76
CA GLY B 59 0.27 -11.63 11.58
C GLY B 59 -0.05 -10.98 10.25
N PHE B 60 -1.03 -11.51 9.51
CA PHE B 60 -1.52 -10.85 8.30
C PHE B 60 -3.05 -10.81 8.28
N THR B 61 -3.57 -9.82 7.55
CA THR B 61 -5.01 -9.63 7.38
C THR B 61 -5.31 -9.41 5.92
N THR B 62 -6.40 -9.92 5.43
CA THR B 62 -6.80 -9.74 4.07
C THR B 62 -8.13 -8.99 4.04
N ASP B 63 -8.19 -7.90 3.27
CA ASP B 63 -9.36 -7.03 3.15
C ASP B 63 -10.42 -7.63 2.26
N PRO B 64 -11.67 -7.13 2.37
CA PRO B 64 -12.71 -7.57 1.45
C PRO B 64 -12.35 -7.32 -0.02
N VAL B 65 -12.75 -8.22 -0.88
CA VAL B 65 -12.54 -8.08 -2.31
C VAL B 65 -13.51 -7.01 -2.80
N THR B 66 -13.06 -6.13 -3.68
CA THR B 66 -13.89 -5.04 -4.21
C THR B 66 -13.83 -5.10 -5.71
N ILE B 67 -14.73 -4.34 -6.32
CA ILE B 67 -14.82 -4.22 -7.73
C ILE B 67 -13.99 -3.01 -8.14
N GLU B 68 -13.23 -3.18 -9.20
CA GLU B 68 -12.37 -2.13 -9.72
C GLU B 68 -13.11 -1.18 -10.65
N GLN B 75 -16.09 -7.07 -15.83
CA GLN B 75 -15.91 -6.71 -14.42
C GLN B 75 -14.73 -7.43 -13.80
N THR B 76 -13.90 -6.68 -13.13
CA THR B 76 -12.71 -7.26 -12.48
C THR B 76 -12.69 -6.81 -11.04
N TYR B 77 -11.83 -7.48 -10.27
CA TYR B 77 -11.84 -7.34 -8.85
C TYR B 77 -10.41 -7.02 -8.34
N LYS B 78 -10.35 -6.59 -7.11
CA LYS B 78 -9.14 -6.28 -6.39
C LYS B 78 -9.23 -6.84 -4.99
N VAL B 79 -8.11 -7.35 -4.48
CA VAL B 79 -7.98 -7.69 -3.05
C VAL B 79 -6.63 -7.29 -2.54
N ILE B 80 -6.58 -6.85 -1.32
CA ILE B 80 -5.37 -6.56 -0.63
C ILE B 80 -5.16 -7.37 0.63
N SER B 81 -3.93 -7.77 0.91
CA SER B 81 -3.53 -8.45 2.12
C SER B 81 -2.35 -7.69 2.70
N THR B 82 -2.29 -7.63 4.01
CA THR B 82 -1.27 -6.88 4.72
C THR B 82 -0.58 -7.79 5.73
N LEU B 83 0.75 -7.88 5.64
CA LEU B 83 1.60 -8.61 6.56
C LEU B 83 2.35 -7.65 7.46
N THR B 84 2.25 -7.83 8.77
CA THR B 84 3.04 -7.07 9.69
C THR B 84 4.48 -7.60 9.70
N ILE B 85 5.46 -6.70 9.59
CA ILE B 85 6.85 -7.04 9.55
C ILE B 85 7.62 -6.12 10.52
N SER B 86 8.80 -6.59 10.87
CA SER B 86 9.69 -5.80 11.75
C SER B 86 10.80 -5.15 10.92
N GLU B 87 11.25 -3.96 11.33
CA GLU B 87 12.26 -3.26 10.61
C GLU B 87 13.57 -4.00 10.59
N ILE B 88 13.99 -4.60 11.73
CA ILE B 88 15.29 -5.28 11.73
C ILE B 88 15.26 -6.50 10.81
N ASP B 89 14.12 -7.21 10.74
CA ASP B 89 14.06 -8.34 9.83
C ASP B 89 14.11 -7.89 8.35
N TRP B 90 13.42 -6.75 8.07
CA TRP B 90 13.47 -6.15 6.73
C TRP B 90 14.89 -5.74 6.31
N LEU B 91 15.58 -5.03 7.20
CA LEU B 91 16.95 -4.60 6.91
C LEU B 91 17.97 -5.71 6.84
N ASN B 92 17.65 -6.82 7.53
CA ASN B 92 18.46 -7.99 7.51
C ASN B 92 18.22 -8.88 6.33
N LEU B 93 17.44 -8.37 5.34
CA LEU B 93 17.30 -9.02 4.04
C LEU B 93 16.53 -10.35 4.14
N ASN B 94 15.60 -10.44 5.08
CA ASN B 94 14.65 -11.51 5.04
C ASN B 94 13.79 -11.36 3.75
N VAL B 95 13.44 -12.45 3.12
CA VAL B 95 12.70 -12.43 1.86
C VAL B 95 11.28 -12.82 2.14
N TYR B 96 10.37 -12.00 1.67
CA TYR B 96 8.96 -12.16 1.91
C TYR B 96 8.25 -12.49 0.60
N THR B 97 7.26 -13.34 0.64
CA THR B 97 6.57 -13.78 -0.54
C THR B 97 5.09 -13.68 -0.34
N CYS B 98 4.41 -13.02 -1.26
CA CYS B 98 2.96 -13.09 -1.35
C CYS B 98 2.57 -14.20 -2.31
N ARG B 99 1.74 -15.13 -1.84
CA ARG B 99 1.25 -16.24 -2.62
C ARG B 99 -0.20 -15.99 -2.93
N VAL B 100 -0.53 -15.96 -4.19
CA VAL B 100 -1.87 -15.75 -4.67
C VAL B 100 -2.31 -16.97 -5.48
N ASP B 101 -3.52 -17.46 -5.19
CA ASP B 101 -4.07 -18.57 -5.95
C ASP B 101 -5.36 -18.14 -6.62
N HIS B 102 -5.46 -18.42 -7.90
CA HIS B 102 -6.61 -18.07 -8.68
C HIS B 102 -6.79 -19.07 -9.78
N ARG B 103 -8.02 -19.58 -9.90
CA ARG B 103 -8.37 -20.50 -11.00
C ARG B 103 -7.37 -21.63 -11.26
N GLY B 104 -6.86 -22.22 -10.23
CA GLY B 104 -5.94 -23.34 -10.43
C GLY B 104 -4.48 -23.01 -10.72
N LEU B 105 -4.13 -21.74 -10.69
CA LEU B 105 -2.76 -21.27 -10.78
C LEU B 105 -2.34 -20.68 -9.47
N THR B 106 -1.06 -20.76 -9.19
CA THR B 106 -0.44 -20.17 -8.02
C THR B 106 0.63 -19.18 -8.49
N PHE B 107 0.60 -18.00 -7.92
CA PHE B 107 1.53 -16.92 -8.23
C PHE B 107 2.31 -16.57 -6.98
N LEU B 108 3.61 -16.37 -7.12
CA LEU B 108 4.50 -16.01 -6.04
C LEU B 108 5.20 -14.70 -6.36
N LYS B 109 5.10 -13.71 -5.52
CA LYS B 109 5.78 -12.47 -5.68
C LYS B 109 6.65 -12.25 -4.47
N ASN B 110 7.94 -12.16 -4.71
CA ASN B 110 8.95 -12.02 -3.66
C ASN B 110 9.44 -10.60 -3.55
N VAL B 111 9.70 -10.14 -2.34
CA VAL B 111 10.27 -8.83 -2.07
C VAL B 111 11.23 -8.86 -0.93
N SER B 112 12.10 -7.90 -0.89
CA SER B 112 13.06 -7.69 0.15
C SER B 112 13.46 -6.24 0.16
N SER B 113 14.26 -5.83 1.11
CA SER B 113 14.87 -4.50 1.18
C SER B 113 15.86 -4.16 0.05
N THR B 114 15.64 -3.00 -0.58
CA THR B 114 16.45 -2.57 -1.72
C THR B 114 17.76 -2.02 -1.14
N CYS B 115 17.66 -1.21 -0.08
CA CYS B 115 18.79 -0.51 0.45
C CYS B 115 19.81 -1.45 1.11
N ALA B 116 19.50 -2.75 1.25
CA ALA B 116 20.64 -3.73 1.03
C ALA B 116 20.23 -4.70 -0.08
#